data_9L6M
#
_entry.id   9L6M
#
_cell.length_a   115.633
_cell.length_b   56.138
_cell.length_c   68.118
_cell.angle_alpha   90.00
_cell.angle_beta   94.22
_cell.angle_gamma   90.00
#
_symmetry.space_group_name_H-M   'C 1 2 1'
#
loop_
_entity.id
_entity.type
_entity.pdbx_description
1 polymer 'Bromodomain-containing protein 2'
2 non-polymer 2-[(6S)-4-(4-chlorophenyl)-2,3,9-trimethyl-6H-[1,2]oxazolo[5,4-c]thieno[2,3-e]azepin-6-yl]acetamide
3 water water
#
_entity_poly.entity_id   1
_entity_poly.type   'polypeptide(L)'
_entity_poly.pdbx_seq_one_letter_code
;MGSSHHHHHHSSGLVPRGSHMSNPKKPGRVTNQLQYLHKVVMKALWKHQFAWPFRQPVDAVKLGLPDYHKIIKQPMDMGT
IKRRLENNYYWAASECMQDFNTMFTNCYIYNKPTDDIVLMAQTLEKIFLQKVASMPQEEQELVVTIPKNSHKKGA
;
_entity_poly.pdbx_strand_id   A,B,C
#
# COMPACT_ATOMS: atom_id res chain seq x y z
N VAL A 30 15.14 -7.84 -7.23
CA VAL A 30 14.86 -7.50 -5.80
C VAL A 30 15.12 -6.01 -5.60
N THR A 31 14.06 -5.25 -5.26
CA THR A 31 14.19 -3.85 -4.93
C THR A 31 13.58 -3.62 -3.55
N ASN A 32 13.91 -2.49 -2.93
CA ASN A 32 13.37 -2.15 -1.61
C ASN A 32 11.85 -1.98 -1.72
N GLN A 33 11.39 -1.38 -2.82
CA GLN A 33 9.97 -1.16 -3.08
C GLN A 33 9.22 -2.46 -3.28
N LEU A 34 9.76 -3.37 -4.08
CA LEU A 34 9.14 -4.67 -4.27
C LEU A 34 9.08 -5.45 -2.97
N GLN A 35 10.13 -5.33 -2.14
CA GLN A 35 10.04 -6.05 -0.89
C GLN A 35 8.96 -5.41 -0.01
N TYR A 36 8.81 -4.09 -0.09
CA TYR A 36 7.72 -3.44 0.63
C TYR A 36 6.37 -3.93 0.11
N LEU A 37 6.17 -3.95 -1.21
CA LEU A 37 4.88 -4.41 -1.74
C LEU A 37 4.59 -5.84 -1.30
N HIS A 38 5.60 -6.69 -1.20
CA HIS A 38 5.35 -8.08 -0.84
C HIS A 38 5.05 -8.23 0.65
N LYS A 39 5.87 -7.56 1.49
CA LYS A 39 5.84 -7.80 2.93
C LYS A 39 4.78 -6.96 3.63
N VAL A 40 4.42 -5.81 3.04
CA VAL A 40 3.46 -4.91 3.67
C VAL A 40 2.14 -4.96 2.90
N VAL A 41 2.17 -4.72 1.58
CA VAL A 41 0.93 -4.52 0.83
C VAL A 41 0.22 -5.85 0.62
N MET A 42 0.91 -6.77 -0.02
CA MET A 42 0.34 -8.08 -0.30
C MET A 42 -0.03 -8.76 1.01
N LYS A 43 0.88 -8.71 2.01
CA LYS A 43 0.55 -9.34 3.28
C LYS A 43 -0.83 -8.89 3.77
N ALA A 44 -1.05 -7.57 3.82
CA ALA A 44 -2.27 -6.99 4.35
C ALA A 44 -3.48 -7.39 3.50
N LEU A 45 -3.33 -7.31 2.18
CA LEU A 45 -4.50 -7.50 1.32
C LEU A 45 -4.88 -8.98 1.25
N TRP A 46 -3.86 -9.88 1.21
CA TRP A 46 -4.12 -11.30 0.94
C TRP A 46 -4.98 -11.89 2.04
N LYS A 47 -4.71 -11.45 3.28
CA LYS A 47 -5.42 -12.03 4.41
C LYS A 47 -6.70 -11.27 4.73
N HIS A 48 -7.01 -10.18 4.02
CA HIS A 48 -8.23 -9.43 4.31
C HIS A 48 -9.50 -10.28 4.12
N GLN A 49 -10.55 -10.00 4.91
CA GLN A 49 -11.81 -10.76 4.85
C GLN A 49 -12.54 -10.59 3.51
N PHE A 50 -12.22 -9.55 2.73
CA PHE A 50 -12.86 -9.31 1.44
C PHE A 50 -11.96 -9.76 0.28
N ALA A 51 -10.78 -10.35 0.57
CA ALA A 51 -9.83 -10.71 -0.47
C ALA A 51 -10.29 -11.93 -1.26
N TRP A 52 -11.12 -12.77 -0.66
CA TRP A 52 -11.34 -14.10 -1.24
C TRP A 52 -11.73 -14.08 -2.74
N PRO A 53 -12.56 -13.16 -3.29
CA PRO A 53 -12.83 -13.16 -4.73
C PRO A 53 -11.60 -12.90 -5.61
N PHE A 54 -10.56 -12.28 -5.03
CA PHE A 54 -9.45 -11.75 -5.79
C PHE A 54 -8.22 -12.67 -5.69
N ARG A 55 -8.33 -13.81 -5.00
CA ARG A 55 -7.14 -14.60 -4.70
C ARG A 55 -6.77 -15.52 -5.86
N GLN A 56 -7.68 -15.72 -6.80
CA GLN A 56 -7.40 -16.54 -7.96
C GLN A 56 -8.04 -15.89 -9.17
N PRO A 57 -7.65 -16.23 -10.42
CA PRO A 57 -8.27 -15.59 -11.58
C PRO A 57 -9.76 -15.87 -11.60
N VAL A 58 -10.48 -14.93 -12.19
CA VAL A 58 -11.90 -15.09 -12.38
C VAL A 58 -12.11 -16.32 -13.27
N ASP A 59 -12.93 -17.25 -12.80
CA ASP A 59 -13.22 -18.46 -13.56
C ASP A 59 -14.59 -18.26 -14.21
N ALA A 60 -14.57 -17.86 -15.49
CA ALA A 60 -15.76 -17.53 -16.26
C ALA A 60 -16.73 -18.71 -16.40
N VAL A 61 -16.19 -19.92 -16.40
CA VAL A 61 -17.07 -21.10 -16.49
C VAL A 61 -17.80 -21.34 -15.15
N LYS A 62 -17.04 -21.41 -14.07
CA LYS A 62 -17.61 -21.53 -12.73
C LYS A 62 -18.69 -20.46 -12.49
N LEU A 63 -18.44 -19.19 -12.91
CA LEU A 63 -19.34 -18.12 -12.50
C LEU A 63 -20.48 -17.91 -13.50
N GLY A 64 -20.47 -18.64 -14.63
CA GLY A 64 -21.44 -18.48 -15.69
C GLY A 64 -21.41 -17.13 -16.40
N LEU A 65 -20.20 -16.68 -16.80
CA LEU A 65 -19.95 -15.36 -17.38
C LEU A 65 -19.33 -15.48 -18.77
N PRO A 66 -20.09 -15.82 -19.83
CA PRO A 66 -19.50 -15.99 -21.16
C PRO A 66 -19.00 -14.70 -21.83
N ASP A 67 -19.32 -13.54 -21.23
CA ASP A 67 -18.84 -12.27 -21.76
C ASP A 67 -17.62 -11.74 -20.99
N TYR A 68 -17.19 -12.44 -19.93
CA TYR A 68 -16.15 -11.88 -19.07
C TYR A 68 -14.90 -11.53 -19.88
N HIS A 69 -14.39 -12.50 -20.67
CA HIS A 69 -13.16 -12.33 -21.40
C HIS A 69 -13.40 -11.48 -22.65
N LYS A 70 -14.66 -11.19 -22.96
CA LYS A 70 -14.96 -10.27 -24.06
C LYS A 70 -14.82 -8.83 -23.56
N ILE A 71 -15.09 -8.62 -22.28
CA ILE A 71 -15.05 -7.27 -21.70
C ILE A 71 -13.71 -6.97 -21.05
N ILE A 72 -13.16 -7.97 -20.35
CA ILE A 72 -11.93 -7.78 -19.62
C ILE A 72 -10.84 -8.44 -20.45
N LYS A 73 -9.94 -7.63 -20.99
CA LYS A 73 -8.97 -8.18 -21.92
C LYS A 73 -7.65 -8.48 -21.20
N GLN A 74 -7.45 -7.87 -20.02
CA GLN A 74 -6.28 -8.20 -19.22
C GLN A 74 -6.71 -8.64 -17.83
N PRO A 75 -7.06 -9.93 -17.63
CA PRO A 75 -7.45 -10.42 -16.31
C PRO A 75 -6.24 -10.36 -15.38
N MET A 76 -6.51 -10.11 -14.09
CA MET A 76 -5.44 -10.06 -13.10
C MET A 76 -6.08 -10.37 -11.75
N ASP A 77 -5.31 -11.01 -10.88
CA ASP A 77 -5.77 -11.40 -9.56
C ASP A 77 -4.56 -11.42 -8.62
N MET A 78 -4.83 -11.42 -7.33
CA MET A 78 -3.81 -11.34 -6.30
C MET A 78 -2.95 -12.60 -6.29
N GLY A 79 -3.53 -13.74 -6.65
CA GLY A 79 -2.79 -14.99 -6.74
C GLY A 79 -1.62 -14.89 -7.72
N THR A 80 -1.90 -14.32 -8.88
CA THR A 80 -0.89 -14.01 -9.88
C THR A 80 0.13 -12.98 -9.39
N ILE A 81 -0.30 -11.87 -8.77
CA ILE A 81 0.65 -10.87 -8.32
C ILE A 81 1.60 -11.48 -7.26
N LYS A 82 1.03 -12.25 -6.34
CA LYS A 82 1.76 -12.88 -5.25
C LYS A 82 2.81 -13.81 -5.85
N ARG A 83 2.38 -14.64 -6.80
CA ARG A 83 3.31 -15.56 -7.45
C ARG A 83 4.41 -14.78 -8.15
N ARG A 84 4.05 -13.69 -8.83
CA ARG A 84 5.02 -12.80 -9.43
C ARG A 84 6.00 -12.18 -8.43
N LEU A 85 5.50 -11.71 -7.28
CA LEU A 85 6.38 -11.24 -6.21
C LEU A 85 7.29 -12.38 -5.73
N GLU A 86 6.74 -13.58 -5.55
CA GLU A 86 7.52 -14.69 -5.00
C GLU A 86 8.63 -15.10 -5.95
N ASN A 87 8.44 -14.90 -7.27
CA ASN A 87 9.34 -15.46 -8.27
C ASN A 87 10.23 -14.39 -8.91
N ASN A 88 10.25 -13.18 -8.32
CA ASN A 88 11.01 -12.04 -8.78
C ASN A 88 10.75 -11.76 -10.27
N TYR A 89 9.48 -11.84 -10.67
CA TYR A 89 9.05 -11.53 -12.03
C TYR A 89 9.17 -10.02 -12.32
N TYR A 90 8.84 -9.16 -11.34
CA TYR A 90 8.86 -7.73 -11.63
C TYR A 90 10.25 -7.10 -11.60
N TRP A 91 10.45 -6.10 -12.48
CA TRP A 91 11.64 -5.27 -12.52
C TRP A 91 11.47 -4.00 -11.68
N ALA A 92 10.23 -3.52 -11.53
CA ALA A 92 10.04 -2.31 -10.75
C ALA A 92 8.70 -2.41 -10.02
N ALA A 93 8.62 -1.73 -8.87
CA ALA A 93 7.43 -1.75 -8.03
C ALA A 93 6.23 -1.15 -8.79
N SER A 94 6.47 -0.13 -9.63
CA SER A 94 5.43 0.49 -10.42
C SER A 94 4.65 -0.54 -11.26
N GLU A 95 5.34 -1.60 -11.68
CA GLU A 95 4.80 -2.65 -12.50
C GLU A 95 3.85 -3.53 -11.68
N CYS A 96 4.25 -3.82 -10.45
CA CYS A 96 3.41 -4.57 -9.54
C CYS A 96 2.19 -3.71 -9.20
N MET A 97 2.40 -2.40 -8.95
CA MET A 97 1.29 -1.51 -8.62
C MET A 97 0.29 -1.43 -9.79
N GLN A 98 0.79 -1.47 -11.04
CA GLN A 98 -0.08 -1.47 -12.21
C GLN A 98 -0.96 -2.72 -12.22
N ASP A 99 -0.40 -3.90 -11.88
CA ASP A 99 -1.16 -5.14 -11.79
C ASP A 99 -2.26 -5.02 -10.72
N PHE A 100 -1.93 -4.47 -9.54
CA PHE A 100 -3.00 -4.29 -8.55
C PHE A 100 -4.09 -3.41 -9.12
N ASN A 101 -3.69 -2.30 -9.75
CA ASN A 101 -4.62 -1.35 -10.30
C ASN A 101 -5.51 -2.03 -11.34
N THR A 102 -4.92 -2.83 -12.24
CA THR A 102 -5.70 -3.49 -13.28
C THR A 102 -6.73 -4.42 -12.63
N MET A 103 -6.33 -5.08 -11.55
CA MET A 103 -7.24 -6.04 -10.92
C MET A 103 -8.47 -5.29 -10.43
N PHE A 104 -8.25 -4.12 -9.79
CA PHE A 104 -9.40 -3.41 -9.25
C PHE A 104 -10.23 -2.80 -10.38
N THR A 105 -9.55 -2.17 -11.36
CA THR A 105 -10.23 -1.56 -12.47
C THR A 105 -11.13 -2.59 -13.18
N ASN A 106 -10.62 -3.81 -13.37
CA ASN A 106 -11.37 -4.87 -14.02
C ASN A 106 -12.70 -5.07 -13.31
N CYS A 107 -12.64 -5.04 -11.98
CA CYS A 107 -13.82 -5.25 -11.17
C CYS A 107 -14.85 -4.12 -11.39
N TYR A 108 -14.42 -2.85 -11.37
CA TYR A 108 -15.32 -1.72 -11.55
C TYR A 108 -15.94 -1.71 -12.96
N ILE A 109 -15.17 -2.14 -13.97
CA ILE A 109 -15.64 -2.07 -15.35
C ILE A 109 -16.68 -3.16 -15.60
N TYR A 110 -16.38 -4.37 -15.12
CA TYR A 110 -17.23 -5.50 -15.44
C TYR A 110 -18.55 -5.45 -14.67
N ASN A 111 -18.50 -5.09 -13.38
CA ASN A 111 -19.62 -5.31 -12.47
C ASN A 111 -20.61 -4.14 -12.54
N LYS A 112 -21.86 -4.40 -12.11
CA LYS A 112 -22.85 -3.34 -11.98
C LYS A 112 -22.55 -2.54 -10.72
N PRO A 113 -22.90 -1.24 -10.72
CA PRO A 113 -22.55 -0.33 -9.64
C PRO A 113 -23.01 -0.80 -8.26
N THR A 114 -24.10 -1.57 -8.24
CA THR A 114 -24.76 -1.94 -7.00
C THR A 114 -24.21 -3.25 -6.44
N ASP A 115 -23.33 -3.93 -7.21
CA ASP A 115 -22.81 -5.23 -6.81
C ASP A 115 -21.93 -5.09 -5.56
N ASP A 116 -22.13 -5.99 -4.57
CA ASP A 116 -21.27 -6.06 -3.38
C ASP A 116 -19.76 -6.16 -3.69
N ILE A 117 -19.37 -6.76 -4.82
CA ILE A 117 -17.96 -6.93 -5.09
C ILE A 117 -17.30 -5.57 -5.29
N VAL A 118 -18.05 -4.62 -5.85
CA VAL A 118 -17.58 -3.28 -6.06
C VAL A 118 -17.17 -2.66 -4.72
N LEU A 119 -18.00 -2.87 -3.70
CA LEU A 119 -17.69 -2.31 -2.39
C LEU A 119 -16.49 -3.05 -1.78
N MET A 120 -16.36 -4.36 -2.03
CA MET A 120 -15.24 -5.13 -1.51
C MET A 120 -13.94 -4.62 -2.13
N ALA A 121 -13.97 -4.43 -3.45
CA ALA A 121 -12.81 -3.94 -4.20
C ALA A 121 -12.41 -2.54 -3.70
N GLN A 122 -13.41 -1.68 -3.50
CA GLN A 122 -13.07 -0.32 -3.03
C GLN A 122 -12.43 -0.38 -1.64
N THR A 123 -12.89 -1.31 -0.78
CA THR A 123 -12.29 -1.44 0.53
C THR A 123 -10.82 -1.84 0.43
N LEU A 124 -10.52 -2.81 -0.45
CA LEU A 124 -9.19 -3.33 -0.59
C LEU A 124 -8.31 -2.24 -1.23
N GLU A 125 -8.92 -1.47 -2.14
CA GLU A 125 -8.11 -0.52 -2.90
C GLU A 125 -7.70 0.64 -2.00
N LYS A 126 -8.58 1.01 -1.05
CA LYS A 126 -8.23 2.03 -0.07
C LYS A 126 -6.99 1.61 0.73
N ILE A 127 -6.94 0.34 1.15
CA ILE A 127 -5.82 -0.14 1.94
C ILE A 127 -4.54 -0.12 1.09
N PHE A 128 -4.66 -0.63 -0.14
CA PHE A 128 -3.62 -0.50 -1.13
C PHE A 128 -3.08 0.93 -1.16
N LEU A 129 -3.97 1.92 -1.40
CA LEU A 129 -3.42 3.27 -1.59
C LEU A 129 -2.77 3.82 -0.32
N GLN A 130 -3.39 3.54 0.84
CA GLN A 130 -2.83 3.95 2.11
C GLN A 130 -1.41 3.38 2.26
N LYS A 131 -1.21 2.13 1.86
CA LYS A 131 0.10 1.53 2.09
C LYS A 131 1.13 2.04 1.09
N VAL A 132 0.71 2.25 -0.16
CA VAL A 132 1.69 2.71 -1.13
C VAL A 132 2.14 4.14 -0.81
N ALA A 133 1.30 4.90 -0.11
CA ALA A 133 1.73 6.22 0.33
C ALA A 133 2.98 6.16 1.24
N SER A 134 3.29 5.00 1.84
CA SER A 134 4.41 4.93 2.78
C SER A 134 5.54 4.06 2.25
N MET A 135 5.50 3.77 0.96
CA MET A 135 6.50 2.91 0.34
C MET A 135 7.83 3.70 0.27
N PRO A 136 8.99 3.02 0.43
CA PRO A 136 10.29 3.69 0.35
C PRO A 136 10.41 4.44 -0.97
N GLN A 137 11.12 5.60 -0.95
CA GLN A 137 11.62 6.29 -2.14
C GLN A 137 10.46 6.59 -3.12
N THR B 31 2.67 19.07 3.72
CA THR B 31 3.79 18.09 3.79
C THR B 31 4.54 18.12 2.45
N ASN B 32 5.73 17.52 2.46
CA ASN B 32 6.50 17.17 1.27
C ASN B 32 5.60 16.41 0.31
N GLN B 33 4.80 15.48 0.86
CA GLN B 33 4.03 14.57 0.03
C GLN B 33 2.91 15.30 -0.71
N LEU B 34 2.17 16.14 0.01
CA LEU B 34 1.07 16.88 -0.58
C LEU B 34 1.59 17.85 -1.64
N GLN B 35 2.78 18.42 -1.39
CA GLN B 35 3.40 19.36 -2.31
C GLN B 35 3.81 18.61 -3.60
N TYR B 36 4.27 17.38 -3.45
CA TYR B 36 4.55 16.51 -4.59
C TYR B 36 3.26 16.20 -5.37
N LEU B 37 2.21 15.77 -4.66
CA LEU B 37 0.95 15.46 -5.34
C LEU B 37 0.44 16.70 -6.06
N HIS B 38 0.73 17.89 -5.54
CA HIS B 38 0.22 19.10 -6.15
C HIS B 38 1.06 19.47 -7.38
N LYS B 39 2.38 19.58 -7.17
CA LYS B 39 3.27 20.25 -8.11
C LYS B 39 3.84 19.29 -9.13
N VAL B 40 3.77 17.98 -8.86
CA VAL B 40 4.31 17.02 -9.82
C VAL B 40 3.18 16.19 -10.40
N VAL B 41 2.30 15.65 -9.56
CA VAL B 41 1.37 14.63 -10.03
C VAL B 41 0.19 15.31 -10.70
N MET B 42 -0.43 16.25 -9.97
CA MET B 42 -1.59 16.92 -10.53
C MET B 42 -1.13 17.74 -11.72
N LYS B 43 0.06 18.37 -11.61
CA LYS B 43 0.57 19.19 -12.71
C LYS B 43 0.57 18.36 -14.01
N ALA B 44 1.10 17.13 -13.94
CA ALA B 44 1.25 16.22 -15.08
C ALA B 44 -0.12 15.75 -15.60
N LEU B 45 -0.99 15.30 -14.71
CA LEU B 45 -2.33 14.89 -15.13
C LEU B 45 -3.12 16.05 -15.72
N TRP B 46 -3.04 17.25 -15.09
CA TRP B 46 -3.90 18.34 -15.50
C TRP B 46 -3.72 18.67 -17.00
N LYS B 47 -2.49 18.67 -17.48
CA LYS B 47 -2.15 19.13 -18.82
C LYS B 47 -2.34 18.02 -19.85
N HIS B 48 -2.63 16.81 -19.40
CA HIS B 48 -2.69 15.66 -20.32
C HIS B 48 -3.79 15.88 -21.38
N GLN B 49 -3.63 15.34 -22.60
CA GLN B 49 -4.65 15.50 -23.63
C GLN B 49 -5.98 14.85 -23.25
N PHE B 50 -5.95 13.90 -22.32
CA PHE B 50 -7.18 13.24 -21.91
C PHE B 50 -7.78 13.81 -20.61
N ALA B 51 -7.18 14.87 -20.04
CA ALA B 51 -7.60 15.46 -18.76
C ALA B 51 -8.91 16.24 -18.81
N TRP B 52 -9.25 16.85 -19.96
CA TRP B 52 -10.36 17.82 -20.04
C TRP B 52 -11.67 17.34 -19.40
N PRO B 53 -12.15 16.09 -19.51
CA PRO B 53 -13.42 15.74 -18.87
C PRO B 53 -13.33 15.76 -17.33
N PHE B 54 -12.12 15.71 -16.79
CA PHE B 54 -11.85 15.49 -15.35
C PHE B 54 -11.46 16.78 -14.61
N ARG B 55 -11.40 17.91 -15.32
CA ARG B 55 -10.95 19.15 -14.70
C ARG B 55 -12.04 19.85 -13.91
N GLN B 56 -13.31 19.46 -14.10
CA GLN B 56 -14.36 20.10 -13.32
C GLN B 56 -15.37 19.01 -12.99
N PRO B 57 -16.32 19.27 -12.07
CA PRO B 57 -17.31 18.25 -11.72
C PRO B 57 -18.10 17.88 -12.97
N VAL B 58 -18.51 16.61 -13.02
CA VAL B 58 -19.52 16.18 -13.97
C VAL B 58 -20.79 17.03 -13.82
N ASP B 59 -21.21 17.64 -14.93
CA ASP B 59 -22.39 18.50 -14.96
C ASP B 59 -23.55 17.69 -15.53
N ALA B 60 -24.35 17.07 -14.64
CA ALA B 60 -25.34 16.08 -15.06
C ALA B 60 -26.45 16.73 -15.89
N VAL B 61 -26.76 18.01 -15.61
CA VAL B 61 -27.83 18.66 -16.36
C VAL B 61 -27.36 18.90 -17.79
N LYS B 62 -26.19 19.52 -17.93
CA LYS B 62 -25.69 19.84 -19.26
C LYS B 62 -25.55 18.58 -20.12
N LEU B 63 -25.04 17.49 -19.54
CA LEU B 63 -24.74 16.27 -20.28
C LEU B 63 -25.98 15.40 -20.44
N GLY B 64 -27.10 15.79 -19.82
CA GLY B 64 -28.34 15.04 -19.86
C GLY B 64 -28.21 13.67 -19.18
N LEU B 65 -27.67 13.66 -17.96
CA LEU B 65 -27.49 12.40 -17.23
C LEU B 65 -28.33 12.41 -15.96
N PRO B 66 -29.67 12.22 -16.05
CA PRO B 66 -30.54 12.30 -14.87
C PRO B 66 -30.23 11.20 -13.85
N ASP B 67 -29.43 10.19 -14.23
CA ASP B 67 -29.15 9.11 -13.30
C ASP B 67 -27.74 9.21 -12.69
N TYR B 68 -26.99 10.24 -13.06
CA TYR B 68 -25.59 10.30 -12.64
C TYR B 68 -25.49 10.33 -11.11
N HIS B 69 -26.25 11.24 -10.48
CA HIS B 69 -26.16 11.41 -9.04
C HIS B 69 -26.93 10.32 -8.30
N LYS B 70 -27.64 9.47 -9.04
CA LYS B 70 -28.25 8.33 -8.38
C LYS B 70 -27.25 7.18 -8.32
N ILE B 71 -26.31 7.17 -9.26
CA ILE B 71 -25.38 6.05 -9.37
C ILE B 71 -24.06 6.39 -8.68
N ILE B 72 -23.62 7.63 -8.88
CA ILE B 72 -22.37 8.11 -8.30
C ILE B 72 -22.70 8.96 -7.06
N LYS B 73 -22.43 8.40 -5.90
CA LYS B 73 -22.81 9.08 -4.66
C LYS B 73 -21.71 9.98 -4.11
N GLN B 74 -20.45 9.82 -4.56
CA GLN B 74 -19.39 10.74 -4.18
C GLN B 74 -18.70 11.27 -5.43
N PRO B 75 -19.28 12.27 -6.10
CA PRO B 75 -18.63 12.91 -7.27
C PRO B 75 -17.27 13.47 -6.88
N MET B 76 -16.32 13.44 -7.81
CA MET B 76 -15.00 13.97 -7.51
C MET B 76 -14.39 14.27 -8.87
N ASP B 77 -13.55 15.30 -8.90
CA ASP B 77 -12.90 15.76 -10.12
C ASP B 77 -11.58 16.42 -9.73
N MET B 78 -10.75 16.65 -10.74
CA MET B 78 -9.42 17.12 -10.39
C MET B 78 -9.49 18.59 -9.95
N GLY B 79 -10.50 19.33 -10.42
CA GLY B 79 -10.61 20.73 -9.99
C GLY B 79 -10.85 20.83 -8.49
N THR B 80 -11.75 19.98 -7.98
CA THR B 80 -11.99 19.84 -6.55
C THR B 80 -10.71 19.47 -5.79
N ILE B 81 -9.98 18.42 -6.22
CA ILE B 81 -8.74 17.99 -5.59
C ILE B 81 -7.73 19.13 -5.59
N LYS B 82 -7.69 19.82 -6.73
CA LYS B 82 -6.68 20.87 -6.87
C LYS B 82 -6.99 21.96 -5.84
N ARG B 83 -8.25 22.38 -5.77
CA ARG B 83 -8.64 23.40 -4.79
C ARG B 83 -8.35 22.94 -3.36
N ARG B 84 -8.60 21.65 -3.08
CA ARG B 84 -8.30 21.09 -1.78
C ARG B 84 -6.80 21.16 -1.45
N LEU B 85 -5.94 20.90 -2.44
CA LEU B 85 -4.49 20.95 -2.28
C LEU B 85 -4.08 22.39 -2.00
N GLU B 86 -4.76 23.34 -2.64
CA GLU B 86 -4.40 24.76 -2.54
C GLU B 86 -4.81 25.32 -1.17
N ASN B 87 -5.93 24.81 -0.63
CA ASN B 87 -6.50 25.30 0.61
C ASN B 87 -6.06 24.51 1.83
N ASN B 88 -5.05 23.63 1.69
CA ASN B 88 -4.58 22.83 2.82
C ASN B 88 -5.71 22.03 3.47
N TYR B 89 -6.57 21.43 2.63
CA TYR B 89 -7.70 20.63 3.11
C TYR B 89 -7.22 19.29 3.63
N TYR B 90 -6.21 18.71 2.96
CA TYR B 90 -5.77 17.36 3.25
C TYR B 90 -4.82 17.32 4.44
N TRP B 91 -4.97 16.25 5.23
CA TRP B 91 -4.14 16.01 6.40
C TRP B 91 -3.01 15.04 6.06
N ALA B 92 -3.22 14.20 5.05
CA ALA B 92 -2.26 13.16 4.70
C ALA B 92 -2.30 12.93 3.18
N ALA B 93 -1.17 12.47 2.61
CA ALA B 93 -1.08 12.21 1.18
C ALA B 93 -2.16 11.21 0.75
N SER B 94 -2.39 10.20 1.59
CA SER B 94 -3.28 9.11 1.21
C SER B 94 -4.71 9.60 1.04
N GLU B 95 -5.10 10.64 1.80
CA GLU B 95 -6.43 11.21 1.65
C GLU B 95 -6.62 11.80 0.26
N CYS B 96 -5.57 12.43 -0.24
CA CYS B 96 -5.64 13.03 -1.54
C CYS B 96 -5.65 11.93 -2.62
N MET B 97 -4.80 10.91 -2.41
CA MET B 97 -4.72 9.79 -3.34
C MET B 97 -6.07 9.08 -3.41
N GLN B 98 -6.77 9.02 -2.29
CA GLN B 98 -8.10 8.41 -2.24
C GLN B 98 -9.10 9.20 -3.10
N ASP B 99 -9.01 10.54 -3.11
CA ASP B 99 -9.87 11.37 -3.95
C ASP B 99 -9.56 11.10 -5.42
N PHE B 100 -8.27 11.02 -5.76
CA PHE B 100 -7.93 10.68 -7.13
C PHE B 100 -8.59 9.35 -7.51
N ASN B 101 -8.48 8.40 -6.60
CA ASN B 101 -8.97 7.05 -6.90
C ASN B 101 -10.50 7.07 -7.09
N THR B 102 -11.21 7.82 -6.22
CA THR B 102 -12.66 7.94 -6.33
C THR B 102 -13.05 8.49 -7.71
N MET B 103 -12.32 9.50 -8.17
CA MET B 103 -12.63 10.08 -9.44
C MET B 103 -12.53 9.05 -10.55
N PHE B 104 -11.46 8.25 -10.58
CA PHE B 104 -11.32 7.29 -11.65
C PHE B 104 -12.37 6.18 -11.50
N THR B 105 -12.54 5.70 -10.28
CA THR B 105 -13.51 4.63 -10.00
C THR B 105 -14.92 5.05 -10.46
N ASN B 106 -15.32 6.30 -10.18
CA ASN B 106 -16.65 6.78 -10.57
C ASN B 106 -16.85 6.67 -12.09
N CYS B 107 -15.80 7.04 -12.84
CA CYS B 107 -15.79 6.86 -14.29
C CYS B 107 -16.05 5.41 -14.73
N TYR B 108 -15.37 4.44 -14.11
CA TYR B 108 -15.49 3.04 -14.51
C TYR B 108 -16.87 2.49 -14.12
N ILE B 109 -17.37 2.92 -12.95
CA ILE B 109 -18.65 2.45 -12.47
C ILE B 109 -19.80 2.93 -13.33
N TYR B 110 -19.77 4.19 -13.78
CA TYR B 110 -20.92 4.82 -14.39
C TYR B 110 -21.01 4.50 -15.89
N ASN B 111 -19.84 4.41 -16.53
CA ASN B 111 -19.80 4.39 -17.98
C ASN B 111 -19.87 2.95 -18.47
N LYS B 112 -20.20 2.81 -19.75
CA LYS B 112 -20.11 1.51 -20.45
C LYS B 112 -18.65 1.13 -20.63
N PRO B 113 -18.29 -0.17 -20.57
CA PRO B 113 -16.89 -0.57 -20.70
C PRO B 113 -16.23 -0.09 -22.00
N THR B 114 -17.04 0.04 -23.05
CA THR B 114 -16.58 0.38 -24.39
C THR B 114 -16.46 1.90 -24.60
N ASP B 115 -16.91 2.69 -23.62
CA ASP B 115 -16.81 4.15 -23.75
C ASP B 115 -15.37 4.63 -23.81
N ASP B 116 -15.10 5.62 -24.69
CA ASP B 116 -13.79 6.24 -24.81
C ASP B 116 -13.30 6.78 -23.46
N ILE B 117 -14.20 7.34 -22.68
CA ILE B 117 -13.82 7.93 -21.40
C ILE B 117 -13.11 6.91 -20.51
N VAL B 118 -13.54 5.63 -20.59
CA VAL B 118 -12.92 4.58 -19.80
C VAL B 118 -11.44 4.41 -20.14
N LEU B 119 -11.10 4.40 -21.44
CA LEU B 119 -9.73 4.30 -21.85
C LEU B 119 -8.96 5.54 -21.40
N MET B 120 -9.61 6.71 -21.45
CA MET B 120 -9.01 7.97 -21.06
C MET B 120 -8.65 7.96 -19.56
N ALA B 121 -9.60 7.54 -18.71
CA ALA B 121 -9.36 7.36 -17.28
C ALA B 121 -8.26 6.35 -17.02
N GLN B 122 -8.30 5.19 -17.67
CA GLN B 122 -7.24 4.20 -17.42
C GLN B 122 -5.85 4.76 -17.70
N THR B 123 -5.69 5.48 -18.83
CA THR B 123 -4.44 6.14 -19.20
C THR B 123 -3.98 7.10 -18.07
N LEU B 124 -4.89 7.94 -17.63
CA LEU B 124 -4.56 8.93 -16.60
C LEU B 124 -4.22 8.23 -15.29
N GLU B 125 -5.01 7.18 -14.95
CA GLU B 125 -4.77 6.45 -13.72
C GLU B 125 -3.39 5.81 -13.71
N LYS B 126 -2.89 5.33 -14.86
CA LYS B 126 -1.57 4.69 -14.87
C LYS B 126 -0.46 5.72 -14.64
N ILE B 127 -0.63 6.95 -15.16
CA ILE B 127 0.31 8.04 -14.91
C ILE B 127 0.32 8.39 -13.42
N PHE B 128 -0.87 8.54 -12.85
CA PHE B 128 -1.02 8.80 -11.41
C PHE B 128 -0.19 7.80 -10.60
N LEU B 129 -0.35 6.50 -10.88
CA LEU B 129 0.31 5.51 -10.03
C LEU B 129 1.82 5.50 -10.28
N GLN B 130 2.20 5.67 -11.55
CA GLN B 130 3.61 5.73 -11.90
C GLN B 130 4.26 6.89 -11.14
N LYS B 131 3.58 8.02 -11.07
CA LYS B 131 4.16 9.19 -10.38
C LYS B 131 4.12 9.03 -8.88
N VAL B 132 3.06 8.41 -8.37
CA VAL B 132 2.94 8.13 -6.95
C VAL B 132 4.06 7.21 -6.46
N ALA B 133 4.57 6.33 -7.32
CA ALA B 133 5.64 5.43 -6.93
C ALA B 133 6.91 6.19 -6.51
N SER B 134 7.07 7.43 -6.99
CA SER B 134 8.27 8.23 -6.74
C SER B 134 8.03 9.36 -5.74
N MET B 135 6.83 9.37 -5.14
CA MET B 135 6.48 10.38 -4.17
C MET B 135 7.49 10.32 -3.02
N PRO B 136 8.14 11.45 -2.66
CA PRO B 136 9.15 11.46 -1.59
C PRO B 136 8.50 11.02 -0.30
N GLN B 137 9.19 10.21 0.49
CA GLN B 137 8.55 9.70 1.70
C GLN B 137 8.77 10.72 2.84
N THR C 31 8.44 -8.00 36.21
CA THR C 31 7.20 -8.34 35.46
C THR C 31 6.38 -7.08 35.21
N ASN C 32 6.41 -6.14 36.15
CA ASN C 32 5.94 -4.79 35.90
C ASN C 32 6.77 -4.20 34.75
N GLN C 33 8.09 -4.41 34.76
CA GLN C 33 8.96 -3.92 33.69
C GLN C 33 8.66 -4.70 32.41
N LEU C 34 8.57 -6.03 32.51
CA LEU C 34 8.30 -6.85 31.35
C LEU C 34 6.92 -6.49 30.78
N GLN C 35 5.93 -6.21 31.64
CA GLN C 35 4.62 -5.81 31.12
C GLN C 35 4.71 -4.45 30.40
N TYR C 36 5.58 -3.56 30.88
CA TYR C 36 5.78 -2.28 30.23
C TYR C 36 6.43 -2.47 28.86
N LEU C 37 7.43 -3.35 28.78
CA LEU C 37 8.11 -3.63 27.52
C LEU C 37 7.13 -4.18 26.49
N HIS C 38 6.15 -4.98 26.97
CA HIS C 38 5.13 -5.56 26.10
C HIS C 38 4.10 -4.52 25.69
N LYS C 39 3.42 -3.92 26.68
CA LYS C 39 2.23 -3.10 26.49
C LYS C 39 2.56 -1.68 26.06
N VAL C 40 3.76 -1.18 26.35
CA VAL C 40 4.11 0.16 25.89
C VAL C 40 5.17 0.13 24.78
N VAL C 41 6.30 -0.53 25.02
CA VAL C 41 7.45 -0.45 24.11
C VAL C 41 7.16 -1.21 22.82
N MET C 42 6.86 -2.51 22.95
CA MET C 42 6.65 -3.31 21.76
C MET C 42 5.41 -2.80 21.00
N LYS C 43 4.40 -2.34 21.74
CA LYS C 43 3.20 -1.76 21.15
C LYS C 43 3.57 -0.66 20.14
N ALA C 44 4.41 0.29 20.56
CA ALA C 44 4.81 1.44 19.75
C ALA C 44 5.67 0.99 18.57
N LEU C 45 6.62 0.08 18.84
CA LEU C 45 7.55 -0.30 17.80
C LEU C 45 6.86 -1.14 16.71
N TRP C 46 6.05 -2.11 17.14
CA TRP C 46 5.45 -3.08 16.23
C TRP C 46 4.64 -2.36 15.15
N LYS C 47 3.90 -1.33 15.57
CA LYS C 47 2.96 -0.68 14.68
C LYS C 47 3.64 0.47 13.93
N HIS C 48 4.93 0.72 14.21
CA HIS C 48 5.63 1.83 13.60
C HIS C 48 5.76 1.55 12.11
N GLN C 49 5.77 2.59 11.29
CA GLN C 49 5.81 2.37 9.86
C GLN C 49 7.15 1.75 9.42
N PHE C 50 8.23 1.98 10.19
CA PHE C 50 9.56 1.44 9.89
C PHE C 50 9.75 0.01 10.40
N ALA C 51 8.72 -0.59 11.02
CA ALA C 51 8.88 -1.87 11.70
C ALA C 51 8.94 -3.03 10.70
N TRP C 52 8.50 -2.82 9.45
CA TRP C 52 8.17 -3.94 8.56
C TRP C 52 9.37 -4.87 8.27
N PRO C 53 10.62 -4.41 7.99
CA PRO C 53 11.76 -5.33 7.88
C PRO C 53 12.05 -6.16 9.13
N PHE C 54 11.57 -5.68 10.29
CA PHE C 54 11.98 -6.29 11.56
C PHE C 54 10.93 -7.26 12.09
N ARG C 55 9.77 -7.38 11.42
CA ARG C 55 8.67 -8.11 12.02
C ARG C 55 8.92 -9.62 12.01
N GLN C 56 9.82 -10.07 11.12
CA GLN C 56 10.08 -11.50 10.94
C GLN C 56 11.58 -11.69 10.75
N PRO C 57 12.13 -12.92 10.98
CA PRO C 57 13.58 -13.13 10.92
C PRO C 57 14.05 -12.89 9.49
N VAL C 58 15.28 -12.41 9.36
CA VAL C 58 15.88 -12.15 8.07
C VAL C 58 15.91 -13.50 7.35
N ASP C 59 15.39 -13.50 6.13
CA ASP C 59 15.41 -14.69 5.29
C ASP C 59 16.56 -14.52 4.30
N ALA C 60 17.75 -15.03 4.68
CA ALA C 60 18.95 -14.98 3.87
C ALA C 60 18.73 -15.62 2.50
N VAL C 61 17.88 -16.67 2.43
CA VAL C 61 17.61 -17.33 1.16
C VAL C 61 16.88 -16.38 0.22
N LYS C 62 15.65 -16.00 0.62
CA LYS C 62 14.73 -15.19 -0.16
C LYS C 62 15.36 -13.85 -0.53
N LEU C 63 16.10 -13.23 0.40
CA LEU C 63 16.69 -11.93 0.15
C LEU C 63 18.02 -12.11 -0.56
N GLY C 64 18.45 -13.36 -0.75
CA GLY C 64 19.66 -13.66 -1.49
C GLY C 64 20.93 -13.18 -0.78
N LEU C 65 21.05 -13.46 0.52
CA LEU C 65 22.16 -12.96 1.32
C LEU C 65 23.03 -14.10 1.81
N PRO C 66 23.89 -14.71 0.95
CA PRO C 66 24.68 -15.89 1.36
C PRO C 66 25.58 -15.66 2.56
N ASP C 67 26.06 -14.43 2.78
CA ASP C 67 26.98 -14.19 3.89
C ASP C 67 26.26 -13.70 5.15
N TYR C 68 24.94 -13.49 5.12
CA TYR C 68 24.24 -13.00 6.30
C TYR C 68 24.60 -13.76 7.57
N HIS C 69 24.42 -15.08 7.58
CA HIS C 69 24.73 -15.85 8.78
C HIS C 69 26.22 -16.08 9.01
N LYS C 70 27.08 -15.74 8.03
CA LYS C 70 28.51 -15.76 8.28
C LYS C 70 28.91 -14.55 9.13
N ILE C 71 28.22 -13.42 8.95
CA ILE C 71 28.55 -12.16 9.62
C ILE C 71 27.75 -12.00 10.92
N ILE C 72 26.45 -12.31 10.87
CA ILE C 72 25.57 -12.16 12.04
C ILE C 72 25.46 -13.51 12.77
N LYS C 73 25.94 -13.56 14.01
CA LYS C 73 26.02 -14.80 14.78
C LYS C 73 24.74 -15.06 15.57
N GLN C 74 24.02 -13.99 15.91
CA GLN C 74 22.80 -14.09 16.71
C GLN C 74 21.69 -13.27 16.04
N PRO C 75 20.94 -13.83 15.08
CA PRO C 75 19.79 -13.17 14.47
C PRO C 75 18.71 -12.91 15.50
N MET C 76 18.01 -11.80 15.35
CA MET C 76 16.93 -11.48 16.25
C MET C 76 15.97 -10.60 15.46
N ASP C 77 14.68 -10.67 15.81
CA ASP C 77 13.69 -9.88 15.11
C ASP C 77 12.58 -9.55 16.10
N MET C 78 11.75 -8.54 15.78
CA MET C 78 10.63 -8.15 16.64
C MET C 78 9.58 -9.26 16.79
N GLY C 79 9.35 -10.10 15.78
CA GLY C 79 8.34 -11.15 15.97
C GLY C 79 8.74 -12.12 17.07
N THR C 80 10.05 -12.46 17.10
CA THR C 80 10.57 -13.31 18.15
C THR C 80 10.38 -12.66 19.53
N ILE C 81 10.81 -11.39 19.69
CA ILE C 81 10.71 -10.72 20.98
C ILE C 81 9.22 -10.68 21.37
N LYS C 82 8.35 -10.34 20.41
CA LYS C 82 6.94 -10.18 20.72
C LYS C 82 6.35 -11.49 21.23
N ARG C 83 6.73 -12.55 20.53
CA ARG C 83 6.29 -13.90 20.87
C ARG C 83 6.81 -14.27 22.25
N ARG C 84 8.01 -13.82 22.60
CA ARG C 84 8.58 -14.19 23.89
C ARG C 84 7.89 -13.41 25.01
N LEU C 85 7.55 -12.15 24.73
CA LEU C 85 6.85 -11.35 25.73
C LEU C 85 5.48 -11.97 25.99
N GLU C 86 4.78 -12.31 24.90
CA GLU C 86 3.44 -12.87 25.00
C GLU C 86 3.42 -14.14 25.84
N ASN C 87 4.50 -14.94 25.75
CA ASN C 87 4.48 -16.27 26.34
C ASN C 87 5.28 -16.33 27.64
N ASN C 88 5.68 -15.17 28.20
CA ASN C 88 6.34 -15.10 29.50
C ASN C 88 7.71 -15.76 29.50
N TYR C 89 8.39 -15.75 28.34
CA TYR C 89 9.71 -16.36 28.17
C TYR C 89 10.76 -15.68 29.03
N TYR C 90 10.76 -14.33 29.08
CA TYR C 90 11.87 -13.62 29.71
C TYR C 90 11.78 -13.65 31.24
N TRP C 91 12.95 -13.65 31.92
CA TRP C 91 13.03 -13.50 33.38
C TRP C 91 13.21 -12.05 33.85
N ALA C 92 13.95 -11.27 33.05
CA ALA C 92 14.34 -9.94 33.44
C ALA C 92 14.00 -9.04 32.27
N ALA C 93 13.66 -7.78 32.55
CA ALA C 93 13.53 -6.80 31.49
C ALA C 93 14.85 -6.78 30.71
N SER C 94 15.97 -6.93 31.41
CA SER C 94 17.29 -6.80 30.78
C SER C 94 17.44 -7.73 29.58
N GLU C 95 16.89 -8.95 29.65
CA GLU C 95 17.05 -9.91 28.55
C GLU C 95 16.31 -9.45 27.29
N CYS C 96 15.13 -8.86 27.50
CA CYS C 96 14.30 -8.33 26.42
C CYS C 96 15.01 -7.15 25.75
N MET C 97 15.49 -6.22 26.58
CA MET C 97 16.25 -5.08 26.09
C MET C 97 17.46 -5.53 25.28
N GLN C 98 18.18 -6.54 25.78
CA GLN C 98 19.37 -6.99 25.02
C GLN C 98 18.96 -7.54 23.66
N ASP C 99 17.82 -8.25 23.57
CA ASP C 99 17.35 -8.77 22.29
C ASP C 99 17.03 -7.62 21.32
N PHE C 100 16.29 -6.61 21.80
CA PHE C 100 16.09 -5.45 20.93
C PHE C 100 17.44 -4.87 20.49
N ASN C 101 18.36 -4.73 21.45
CA ASN C 101 19.68 -4.21 21.10
C ASN C 101 20.33 -5.07 20.02
N THR C 102 20.29 -6.41 20.17
CA THR C 102 20.94 -7.26 19.19
C THR C 102 20.34 -7.07 17.79
N MET C 103 19.00 -6.95 17.73
CA MET C 103 18.30 -6.75 16.48
C MET C 103 18.84 -5.51 15.77
N PHE C 104 18.85 -4.40 16.50
CA PHE C 104 19.31 -3.18 15.86
C PHE C 104 20.78 -3.28 15.47
N THR C 105 21.60 -3.81 16.39
CA THR C 105 23.05 -3.90 16.14
C THR C 105 23.30 -4.72 14.88
N ASN C 106 22.63 -5.87 14.76
CA ASN C 106 22.83 -6.69 13.58
C ASN C 106 22.61 -5.91 12.27
N CYS C 107 21.56 -5.08 12.24
CA CYS C 107 21.24 -4.26 11.08
C CYS C 107 22.41 -3.30 10.76
N TYR C 108 22.94 -2.67 11.81
CA TYR C 108 24.01 -1.72 11.58
C TYR C 108 25.28 -2.41 11.08
N ILE C 109 25.56 -3.59 11.62
CA ILE C 109 26.82 -4.21 11.31
C ILE C 109 26.75 -4.78 9.90
N TYR C 110 25.60 -5.34 9.52
CA TYR C 110 25.48 -6.01 8.23
C TYR C 110 25.43 -5.04 7.05
N ASN C 111 24.69 -3.94 7.22
CA ASN C 111 24.31 -3.10 6.10
C ASN C 111 25.33 -1.99 5.87
N LYS C 112 25.31 -1.38 4.66
CA LYS C 112 26.14 -0.23 4.33
C LYS C 112 25.63 0.98 5.09
N PRO C 113 26.50 1.96 5.44
CA PRO C 113 26.08 3.14 6.20
C PRO C 113 24.98 3.93 5.49
N THR C 114 25.01 3.84 4.15
CA THR C 114 24.16 4.61 3.25
C THR C 114 22.78 3.97 3.12
N ASP C 115 22.69 2.67 3.44
CA ASP C 115 21.44 1.93 3.29
C ASP C 115 20.30 2.59 4.07
N ASP C 116 19.12 2.59 3.45
CA ASP C 116 17.92 3.16 4.03
C ASP C 116 17.50 2.43 5.30
N ILE C 117 17.71 1.10 5.35
CA ILE C 117 17.33 0.30 6.51
C ILE C 117 18.04 0.81 7.78
N VAL C 118 19.25 1.34 7.61
CA VAL C 118 20.04 1.89 8.72
C VAL C 118 19.27 3.04 9.37
N LEU C 119 18.76 3.98 8.55
CA LEU C 119 18.01 5.09 9.13
C LEU C 119 16.73 4.55 9.76
N MET C 120 16.18 3.47 9.20
CA MET C 120 15.00 2.93 9.82
C MET C 120 15.31 2.41 11.24
N ALA C 121 16.40 1.63 11.36
CA ALA C 121 16.78 1.09 12.65
C ALA C 121 17.07 2.24 13.63
N GLN C 122 17.79 3.27 13.15
CA GLN C 122 18.10 4.39 14.04
C GLN C 122 16.84 5.00 14.63
N THR C 123 15.84 5.27 13.76
CA THR C 123 14.56 5.82 14.19
C THR C 123 13.90 4.96 15.27
N LEU C 124 13.84 3.64 15.03
CA LEU C 124 13.18 2.77 15.98
C LEU C 124 13.95 2.67 17.30
N GLU C 125 15.30 2.59 17.19
CA GLU C 125 16.15 2.43 18.38
C GLU C 125 16.03 3.66 19.28
N LYS C 126 15.94 4.85 18.68
CA LYS C 126 15.72 6.06 19.47
C LYS C 126 14.40 6.00 20.27
N ILE C 127 13.33 5.54 19.62
CA ILE C 127 12.06 5.41 20.31
C ILE C 127 12.18 4.35 21.43
N PHE C 128 12.81 3.22 21.14
CA PHE C 128 13.05 2.17 22.13
C PHE C 128 13.73 2.78 23.36
N LEU C 129 14.81 3.53 23.14
CA LEU C 129 15.55 4.06 24.28
C LEU C 129 14.74 5.09 25.07
N GLN C 130 14.04 5.98 24.35
CA GLN C 130 13.12 6.91 24.98
C GLN C 130 12.15 6.19 25.91
N LYS C 131 11.53 5.10 25.43
CA LYS C 131 10.53 4.41 26.24
C LYS C 131 11.21 3.70 27.43
N VAL C 132 12.40 3.16 27.20
CA VAL C 132 13.02 2.42 28.28
C VAL C 132 13.36 3.38 29.42
N ALA C 133 13.73 4.62 29.09
CA ALA C 133 14.08 5.57 30.13
C ALA C 133 12.92 5.76 31.12
N SER C 134 11.68 5.56 30.64
CA SER C 134 10.48 5.80 31.46
C SER C 134 9.94 4.50 32.05
N MET C 135 10.72 3.42 31.93
CA MET C 135 10.23 2.13 32.36
C MET C 135 10.16 2.13 33.88
N PRO C 136 9.19 1.40 34.51
CA PRO C 136 9.13 1.33 35.97
C PRO C 136 10.28 0.54 36.58
N GLN C 137 10.51 0.76 37.88
CA GLN C 137 11.48 0.01 38.67
C GLN C 137 10.90 -1.38 38.98
#